data_9K76
#
_entry.id   9K76
#
_cell.length_a   81.371
_cell.length_b   87.638
_cell.length_c   73.484
_cell.angle_alpha   90.000
_cell.angle_beta   90.000
_cell.angle_gamma   90.000
#
_symmetry.space_group_name_H-M   'C 2 2 21'
#
loop_
_entity.id
_entity.type
_entity.pdbx_description
1 polymer 'Stimulator of interferon genes protein'
2 non-polymer '5-chloranyl-3-[(4-methylsulfonylphenyl)carbonylamino]-1-benzofuran-2-carboxylic acid'
3 water water
#
_entity_poly.entity_id   1
_entity_poly.type   'polypeptide(L)'
_entity_poly.pdbx_seq_one_letter_code
;FNVAHGLAWSYYIGYLRLILPELQARIRTYNQHYNNLLRGAVSQRLYILLPLDCGVPDNLSMADPNIRFLDKLPQQTGDH
AGIKDRVYSNSIYELLENGQRAGTCVLEYATPLQTLFAMSQYSQAGFSREDRLEQAKLFCRTLEDILADAPESQNNCRLI
AYQEPADDSSFSLSQEVLHHLRQEEKEEVTV
;
_entity_poly.pdbx_strand_id   B
#
# COMPACT_ATOMS: atom_id res chain seq x y z
N PHE A 1 23.45 -2.73 12.81
CA PHE A 1 22.61 -3.84 12.34
C PHE A 1 21.17 -3.38 12.15
N ASN A 2 20.76 -3.22 10.89
CA ASN A 2 19.45 -2.68 10.53
C ASN A 2 18.80 -3.57 9.47
N VAL A 3 17.99 -4.53 9.90
CA VAL A 3 17.34 -5.45 8.96
C VAL A 3 16.49 -4.70 7.95
N ALA A 4 15.98 -3.51 8.32
CA ALA A 4 15.09 -2.79 7.41
C ALA A 4 15.75 -2.42 6.09
N HIS A 5 17.06 -2.16 6.11
CA HIS A 5 17.77 -1.81 4.88
C HIS A 5 17.64 -2.92 3.85
N GLY A 6 17.97 -4.15 4.23
CA GLY A 6 17.87 -5.25 3.28
C GLY A 6 16.45 -5.63 2.94
N LEU A 7 15.53 -5.54 3.91
CA LEU A 7 14.13 -5.80 3.62
C LEU A 7 13.59 -4.82 2.57
N ALA A 8 13.91 -3.53 2.72
CA ALA A 8 13.41 -2.55 1.74
C ALA A 8 14.00 -2.81 0.36
N TRP A 9 15.33 -3.00 0.28
CA TRP A 9 15.95 -3.29 -1.01
C TRP A 9 15.40 -4.56 -1.63
N SER A 10 15.21 -5.62 -0.83
CA SER A 10 14.63 -6.85 -1.35
C SER A 10 13.22 -6.62 -1.87
N TYR A 11 12.40 -5.93 -1.08
CA TYR A 11 11.03 -5.64 -1.49
C TYR A 11 11.00 -4.88 -2.81
N TYR A 12 11.85 -3.86 -2.95
CA TYR A 12 11.86 -3.12 -4.21
C TYR A 12 12.40 -4.00 -5.35
N ILE A 13 13.54 -4.64 -5.13
CA ILE A 13 14.23 -5.35 -6.22
C ILE A 13 13.41 -6.54 -6.72
N GLY A 14 12.83 -7.31 -5.79
CA GLY A 14 12.15 -8.54 -6.15
C GLY A 14 10.65 -8.41 -6.31
N TYR A 15 10.08 -7.23 -6.08
CA TYR A 15 8.63 -7.11 -6.23
C TYR A 15 8.19 -5.78 -6.85
N LEU A 16 8.47 -4.65 -6.20
CA LEU A 16 7.95 -3.38 -6.70
C LEU A 16 8.50 -3.05 -8.09
N ARG A 17 9.80 -3.27 -8.29
CA ARG A 17 10.42 -2.98 -9.58
C ARG A 17 9.80 -3.82 -10.70
N LEU A 18 9.26 -4.98 -10.34
CA LEU A 18 8.68 -5.86 -11.34
C LEU A 18 7.23 -5.49 -11.65
N ILE A 19 6.48 -4.99 -10.66
CA ILE A 19 5.05 -4.73 -10.79
C ILE A 19 4.76 -3.33 -11.32
N LEU A 20 5.55 -2.35 -10.88
CA LEU A 20 5.22 -0.97 -11.20
C LEU A 20 5.27 -0.62 -12.69
N PRO A 21 6.22 -1.12 -13.51
CA PRO A 21 6.25 -0.64 -14.91
C PRO A 21 4.95 -0.90 -15.67
N GLU A 22 4.27 -2.02 -15.43
CA GLU A 22 3.04 -2.34 -16.15
C GLU A 22 1.78 -1.84 -15.46
N LEU A 23 1.90 -1.33 -14.23
CA LEU A 23 0.72 -1.09 -13.41
C LEU A 23 -0.27 -0.17 -14.11
N GLN A 24 0.21 1.00 -14.55
CA GLN A 24 -0.68 2.01 -15.12
C GLN A 24 -1.38 1.50 -16.37
N ALA A 25 -0.67 0.73 -17.20
CA ALA A 25 -1.32 0.14 -18.38
C ALA A 25 -2.43 -0.81 -17.96
N ARG A 26 -2.19 -1.62 -16.93
CA ARG A 26 -3.21 -2.55 -16.47
C ARG A 26 -4.43 -1.79 -15.95
N ILE A 27 -4.20 -0.72 -15.21
CA ILE A 27 -5.32 0.05 -14.65
C ILE A 27 -6.05 0.84 -15.73
N ARG A 28 -5.34 1.33 -16.73
CA ARG A 28 -6.03 1.99 -17.84
C ARG A 28 -6.95 1.01 -18.56
N THR A 29 -6.48 -0.23 -18.75
CA THR A 29 -7.32 -1.25 -19.38
C THR A 29 -8.53 -1.56 -18.51
N TYR A 30 -8.33 -1.74 -17.20
CA TYR A 30 -9.45 -2.00 -16.31
C TYR A 30 -10.45 -0.85 -16.35
N ASN A 31 -9.95 0.39 -16.34
CA ASN A 31 -10.79 1.57 -16.24
C ASN A 31 -11.66 1.80 -17.48
N GLN A 32 -11.24 1.29 -18.65
CA GLN A 32 -12.13 1.34 -19.81
C GLN A 32 -13.43 0.61 -19.51
N HIS A 33 -13.34 -0.54 -18.82
CA HIS A 33 -14.54 -1.25 -18.40
C HIS A 33 -15.21 -0.57 -17.21
N TYR A 34 -14.42 -0.20 -16.20
CA TYR A 34 -14.98 0.36 -14.97
C TYR A 34 -15.72 1.67 -15.26
N ASN A 35 -15.14 2.53 -16.10
CA ASN A 35 -15.83 3.76 -16.47
C ASN A 35 -17.11 3.46 -17.23
N ASN A 36 -17.08 2.46 -18.12
CA ASN A 36 -18.30 2.07 -18.83
C ASN A 36 -19.39 1.58 -17.88
N LEU A 37 -19.01 0.83 -16.84
CA LEU A 37 -20.00 0.20 -15.97
C LEU A 37 -20.47 1.12 -14.86
N LEU A 38 -19.55 1.86 -14.23
CA LEU A 38 -19.84 2.61 -13.02
C LEU A 38 -19.54 4.11 -13.16
N ARG A 39 -19.22 4.57 -14.36
CA ARG A 39 -19.01 5.99 -14.65
C ARG A 39 -17.93 6.62 -13.77
N GLY A 40 -17.05 5.80 -13.20
CA GLY A 40 -15.93 6.29 -12.42
C GLY A 40 -14.58 5.78 -12.93
N ALA A 41 -13.60 5.75 -12.03
CA ALA A 41 -12.24 5.36 -12.40
C ALA A 41 -11.52 4.85 -11.15
N VAL A 42 -10.85 3.71 -11.29
CA VAL A 42 -9.90 3.27 -10.28
C VAL A 42 -8.67 4.17 -10.28
N SER A 43 -8.15 4.47 -9.09
CA SER A 43 -6.94 5.26 -9.00
C SER A 43 -5.76 4.53 -9.63
N GLN A 44 -4.78 5.31 -10.07
CA GLN A 44 -3.73 4.82 -10.95
C GLN A 44 -2.51 4.31 -10.19
N ARG A 45 -2.35 4.71 -8.94
CA ARG A 45 -1.14 4.39 -8.19
C ARG A 45 -1.38 3.14 -7.33
N LEU A 46 -0.30 2.42 -7.07
CA LEU A 46 -0.32 1.33 -6.12
C LEU A 46 -0.20 1.91 -4.73
N TYR A 47 -1.17 1.65 -3.88
CA TYR A 47 -1.11 2.15 -2.50
C TYR A 47 -0.62 1.03 -1.59
N ILE A 48 0.49 1.30 -0.89
CA ILE A 48 1.16 0.33 -0.05
C ILE A 48 0.97 0.76 1.39
N LEU A 49 0.25 -0.04 2.16
CA LEU A 49 0.03 0.29 3.56
C LEU A 49 1.23 -0.14 4.37
N LEU A 50 1.72 0.78 5.23
CA LEU A 50 2.85 0.56 6.12
C LEU A 50 2.42 0.80 7.55
N PRO A 51 1.66 -0.13 8.14
CA PRO A 51 1.33 0.00 9.56
C PRO A 51 2.61 -0.16 10.39
N LEU A 52 2.96 0.89 11.12
CA LEU A 52 4.20 0.88 11.88
C LEU A 52 4.17 -0.13 13.03
N ASP A 53 2.99 -0.65 13.40
CA ASP A 53 2.94 -1.75 14.35
C ASP A 53 3.18 -3.10 13.67
N CYS A 54 3.40 -3.10 12.35
CA CYS A 54 3.71 -4.30 11.58
C CYS A 54 2.57 -5.32 11.61
N GLY A 55 1.36 -4.85 11.89
CA GLY A 55 0.20 -5.73 11.89
C GLY A 55 -0.42 -5.82 10.53
N VAL A 56 -0.10 -6.89 9.80
CA VAL A 56 -0.66 -7.17 8.48
C VAL A 56 -1.69 -8.28 8.64
N PRO A 57 -2.97 -8.00 8.46
CA PRO A 57 -4.00 -9.05 8.60
C PRO A 57 -4.15 -9.84 7.31
N ASP A 58 -4.95 -10.91 7.40
CA ASP A 58 -5.30 -11.66 6.22
C ASP A 58 -6.23 -10.86 5.31
N ASN A 59 -7.28 -10.28 5.88
CA ASN A 59 -8.28 -9.52 5.15
C ASN A 59 -8.24 -8.07 5.59
N LEU A 60 -8.02 -7.16 4.63
CA LEU A 60 -8.00 -5.73 4.92
C LEU A 60 -9.23 -5.26 5.68
N SER A 61 -10.38 -5.88 5.45
CA SER A 61 -11.59 -5.47 6.17
C SER A 61 -11.43 -5.62 7.68
N MET A 62 -10.60 -6.58 8.13
CA MET A 62 -10.35 -6.72 9.56
C MET A 62 -9.73 -5.46 10.14
N ALA A 63 -8.92 -4.73 9.36
CA ALA A 63 -8.30 -3.50 9.85
C ALA A 63 -9.25 -2.32 9.83
N ASP A 64 -10.26 -2.33 8.94
CA ASP A 64 -11.22 -1.24 8.79
C ASP A 64 -12.38 -1.73 7.93
N PRO A 65 -13.60 -1.82 8.48
CA PRO A 65 -14.70 -2.38 7.70
C PRO A 65 -15.16 -1.49 6.56
N ASN A 66 -14.67 -0.26 6.50
CA ASN A 66 -14.91 0.60 5.34
C ASN A 66 -13.93 0.35 4.22
N ILE A 67 -13.06 -0.65 4.35
CA ILE A 67 -12.15 -1.08 3.29
C ILE A 67 -12.57 -2.48 2.90
N ARG A 68 -13.16 -2.64 1.72
CA ARG A 68 -13.71 -3.92 1.31
C ARG A 68 -13.14 -4.31 -0.05
N PHE A 69 -12.73 -5.57 -0.15
CA PHE A 69 -12.30 -6.12 -1.43
C PHE A 69 -13.36 -5.91 -2.49
N LEU A 70 -12.96 -5.39 -3.64
CA LEU A 70 -13.90 -5.21 -4.73
C LEU A 70 -13.67 -6.15 -5.90
N ASP A 71 -12.44 -6.30 -6.38
CA ASP A 71 -12.23 -7.06 -7.61
C ASP A 71 -10.74 -7.26 -7.86
N LYS A 72 -10.41 -8.21 -8.73
CA LYS A 72 -9.03 -8.51 -9.05
C LYS A 72 -8.61 -7.71 -10.27
N LEU A 73 -7.43 -7.09 -10.20
CA LEU A 73 -6.87 -6.41 -11.37
C LEU A 73 -6.08 -7.44 -12.17
N PRO A 74 -6.53 -7.82 -13.37
CA PRO A 74 -5.89 -8.92 -14.09
C PRO A 74 -4.45 -8.62 -14.48
N GLN A 75 -3.75 -9.72 -14.79
CA GLN A 75 -2.37 -9.75 -15.30
C GLN A 75 -1.37 -9.35 -14.23
N SER A 89 -1.25 -10.80 -10.28
CA SER A 89 -2.43 -9.96 -10.10
C SER A 89 -2.37 -9.15 -8.80
N ASN A 90 -3.27 -8.18 -8.68
CA ASN A 90 -3.38 -7.36 -7.48
C ASN A 90 -4.85 -7.17 -7.16
N SER A 91 -5.14 -6.67 -5.96
CA SER A 91 -6.50 -6.59 -5.46
C SER A 91 -6.98 -5.16 -5.46
N ILE A 92 -8.15 -4.94 -6.03
CA ILE A 92 -8.78 -3.63 -6.02
C ILE A 92 -9.76 -3.58 -4.85
N TYR A 93 -9.65 -2.53 -4.04
CA TYR A 93 -10.50 -2.34 -2.88
C TYR A 93 -11.37 -1.10 -3.07
N GLU A 94 -12.59 -1.17 -2.57
CA GLU A 94 -13.45 0.00 -2.46
C GLU A 94 -13.34 0.58 -1.05
N LEU A 95 -13.36 1.91 -0.97
CA LEU A 95 -13.26 2.65 0.28
C LEU A 95 -14.62 3.29 0.55
N LEU A 96 -15.21 2.97 1.69
CA LEU A 96 -16.59 3.35 1.98
C LEU A 96 -16.67 4.54 2.92
N GLU A 97 -17.69 5.37 2.71
CA GLU A 97 -18.08 6.44 3.63
C GLU A 97 -19.59 6.37 3.82
N ASN A 98 -20.04 6.12 5.04
CA ASN A 98 -21.46 5.96 5.35
C ASN A 98 -22.16 5.04 4.36
N GLY A 99 -21.51 3.92 4.04
CA GLY A 99 -22.06 2.93 3.14
C GLY A 99 -21.96 3.24 1.66
N GLN A 100 -21.38 4.38 1.28
CA GLN A 100 -21.23 4.75 -0.12
C GLN A 100 -19.79 4.56 -0.57
N ARG A 101 -19.60 4.19 -1.83
CA ARG A 101 -18.26 4.08 -2.42
C ARG A 101 -17.66 5.47 -2.57
N ALA A 102 -16.74 5.82 -1.69
CA ALA A 102 -16.04 7.08 -1.79
C ALA A 102 -14.80 7.00 -2.66
N GLY A 103 -14.24 5.81 -2.88
CA GLY A 103 -13.05 5.69 -3.70
C GLY A 103 -12.69 4.24 -3.96
N THR A 104 -11.80 4.05 -4.95
CA THR A 104 -11.39 2.72 -5.39
C THR A 104 -9.89 2.71 -5.65
N CYS A 105 -9.18 1.69 -5.15
CA CYS A 105 -7.76 1.66 -5.49
C CYS A 105 -7.14 0.27 -5.33
N VAL A 106 -5.98 0.13 -5.96
CA VAL A 106 -5.14 -1.05 -5.77
C VAL A 106 -4.38 -0.85 -4.47
N LEU A 107 -4.63 -1.72 -3.51
CA LEU A 107 -4.23 -1.52 -2.14
C LEU A 107 -3.58 -2.81 -1.67
N GLU A 108 -2.43 -2.70 -1.01
CA GLU A 108 -1.87 -3.87 -0.38
C GLU A 108 -0.87 -3.45 0.69
N TYR A 109 -0.63 -4.36 1.63
CA TYR A 109 0.33 -4.16 2.71
C TYR A 109 1.75 -4.44 2.21
N ALA A 110 2.71 -3.71 2.78
CA ALA A 110 4.13 -4.04 2.65
C ALA A 110 4.42 -5.32 3.43
N THR A 111 4.46 -6.45 2.72
CA THR A 111 4.64 -7.73 3.39
C THR A 111 5.93 -7.87 4.21
N PRO A 112 7.07 -7.22 3.87
CA PRO A 112 8.26 -7.36 4.74
C PRO A 112 8.02 -6.97 6.19
N LEU A 113 7.00 -6.14 6.46
CA LEU A 113 6.69 -5.82 7.85
C LEU A 113 6.36 -7.08 8.65
N GLN A 114 5.77 -8.08 8.01
CA GLN A 114 5.50 -9.35 8.69
C GLN A 114 6.80 -9.99 9.15
N THR A 115 7.89 -9.81 8.39
CA THR A 115 9.18 -10.33 8.85
C THR A 115 9.60 -9.65 10.14
N LEU A 116 9.45 -8.32 10.20
CA LEU A 116 9.72 -7.60 11.44
C LEU A 116 8.90 -8.13 12.61
N PHE A 117 7.60 -8.37 12.38
CA PHE A 117 6.76 -8.88 13.46
C PHE A 117 7.21 -10.25 13.91
N ALA A 118 7.44 -11.17 12.97
CA ALA A 118 7.90 -12.51 13.31
C ALA A 118 9.21 -12.45 14.09
N MET A 119 10.12 -11.55 13.71
CA MET A 119 11.37 -11.42 14.47
C MET A 119 11.12 -10.97 15.91
N SER A 120 10.18 -10.05 16.13
CA SER A 120 9.96 -9.61 17.51
C SER A 120 9.38 -10.72 18.38
N GLN A 121 8.72 -11.72 17.80
CA GLN A 121 8.21 -12.87 18.56
C GLN A 121 9.19 -14.04 18.59
N TYR A 122 10.37 -13.92 17.99
CA TYR A 122 11.39 -14.97 17.99
C TYR A 122 12.41 -14.58 19.04
N SER A 123 12.36 -15.25 20.20
CA SER A 123 13.09 -14.78 21.38
C SER A 123 14.61 -14.79 21.21
N GLN A 124 15.14 -15.64 20.33
CA GLN A 124 16.59 -15.71 20.15
C GLN A 124 17.12 -14.53 19.35
N ALA A 125 16.24 -13.82 18.64
CA ALA A 125 16.65 -12.61 17.94
C ALA A 125 16.99 -11.46 18.88
N GLY A 126 16.46 -11.46 20.11
CA GLY A 126 16.61 -10.30 20.96
C GLY A 126 16.07 -9.03 20.33
N PHE A 127 15.01 -9.16 19.58
CA PHE A 127 14.44 -8.07 18.79
C PHE A 127 13.20 -7.62 19.55
N SER A 128 13.34 -6.55 20.32
CA SER A 128 12.28 -6.06 21.18
C SER A 128 11.19 -5.34 20.38
N ARG A 129 10.09 -5.06 21.07
CA ARG A 129 8.98 -4.33 20.45
C ARG A 129 9.42 -2.95 19.98
N GLU A 130 10.24 -2.26 20.77
CA GLU A 130 10.76 -0.96 20.35
C GLU A 130 11.74 -1.10 19.17
N ASP A 131 12.54 -2.17 19.17
CA ASP A 131 13.35 -2.47 17.99
C ASP A 131 12.48 -2.58 16.74
N ARG A 132 11.38 -3.33 16.84
CA ARG A 132 10.49 -3.49 15.70
C ARG A 132 9.99 -2.14 15.19
N LEU A 133 9.60 -1.25 16.11
CA LEU A 133 9.08 0.06 15.70
C LEU A 133 10.15 0.87 14.97
N GLU A 134 11.35 0.96 15.54
CA GLU A 134 12.45 1.67 14.90
C GLU A 134 12.72 1.12 13.51
N GLN A 135 12.76 -0.21 13.38
CA GLN A 135 13.05 -0.82 12.10
C GLN A 135 11.91 -0.61 11.09
N ALA A 136 10.67 -0.58 11.57
CA ALA A 136 9.55 -0.33 10.65
C ALA A 136 9.60 1.10 10.13
N LYS A 137 9.95 2.06 11.00
CA LYS A 137 10.17 3.42 10.53
C LYS A 137 11.33 3.47 9.54
N LEU A 138 12.45 2.84 9.88
CA LEU A 138 13.59 2.84 8.97
C LEU A 138 13.21 2.19 7.65
N PHE A 139 12.37 1.16 7.69
CA PHE A 139 11.93 0.52 6.46
C PHE A 139 11.18 1.50 5.56
N CYS A 140 10.29 2.32 6.15
CA CYS A 140 9.55 3.32 5.37
C CYS A 140 10.49 4.36 4.76
N ARG A 141 11.40 4.91 5.55
CA ARG A 141 12.31 5.92 5.04
C ARG A 141 13.22 5.37 3.94
N THR A 142 13.71 4.13 4.10
CA THR A 142 14.59 3.54 3.09
C THR A 142 13.82 3.30 1.79
N LEU A 143 12.61 2.77 1.89
CA LEU A 143 11.82 2.52 0.70
C LEU A 143 11.50 3.82 -0.02
N GLU A 144 11.17 4.89 0.72
CA GLU A 144 10.92 6.19 0.09
C GLU A 144 12.15 6.67 -0.68
N ASP A 145 13.32 6.60 -0.04
CA ASP A 145 14.58 6.94 -0.71
C ASP A 145 14.77 6.12 -1.99
N ILE A 146 14.46 4.82 -1.93
CA ILE A 146 14.66 3.98 -3.11
C ILE A 146 13.71 4.40 -4.22
N LEU A 147 12.40 4.47 -3.91
CA LEU A 147 11.41 4.88 -4.91
C LEU A 147 11.71 6.26 -5.49
N ALA A 148 12.27 7.17 -4.68
CA ALA A 148 12.56 8.52 -5.16
C ALA A 148 13.50 8.50 -6.36
N ASP A 149 14.46 7.58 -6.40
CA ASP A 149 15.42 7.53 -7.50
C ASP A 149 15.04 6.53 -8.58
N ALA A 150 13.89 5.87 -8.47
CA ALA A 150 13.59 4.71 -9.30
C ALA A 150 12.74 5.08 -10.51
N PRO A 151 13.03 4.44 -11.66
CA PRO A 151 12.35 4.66 -12.94
C PRO A 151 11.07 3.83 -13.11
N GLN A 154 8.55 7.46 -12.63
CA GLN A 154 7.72 6.75 -11.67
C GLN A 154 6.38 7.46 -11.39
N ASN A 155 6.24 8.04 -10.19
CA ASN A 155 4.95 8.55 -9.70
C ASN A 155 3.90 7.45 -9.72
N ASN A 156 4.32 6.23 -9.40
CA ASN A 156 3.55 5.02 -9.66
C ASN A 156 2.95 4.40 -8.41
N CYS A 157 3.34 4.86 -7.23
CA CYS A 157 2.87 4.21 -6.02
C CYS A 157 3.06 5.20 -4.88
N ARG A 158 2.35 4.94 -3.79
CA ARG A 158 2.37 5.85 -2.66
C ARG A 158 2.47 5.02 -1.39
N LEU A 159 3.37 5.43 -0.51
CA LEU A 159 3.52 4.77 0.77
C LEU A 159 2.61 5.45 1.78
N ILE A 160 1.80 4.66 2.46
CA ILE A 160 0.91 5.17 3.51
C ILE A 160 1.37 4.52 4.81
N ALA A 161 2.22 5.24 5.55
CA ALA A 161 2.70 4.83 6.86
C ALA A 161 1.87 5.50 7.95
N TYR A 162 1.54 4.74 8.98
CA TYR A 162 0.70 5.25 10.05
C TYR A 162 0.95 4.44 11.31
N GLN A 163 0.92 5.13 12.45
CA GLN A 163 0.97 4.48 13.75
C GLN A 163 -0.42 4.56 14.35
N GLU A 164 -1.01 3.39 14.62
CA GLU A 164 -2.35 3.30 15.20
C GLU A 164 -2.31 3.60 16.69
N PHE A 171 -8.67 7.65 14.65
CA PHE A 171 -7.95 7.28 13.43
C PHE A 171 -8.74 6.28 12.60
N SER A 172 -8.93 6.61 11.32
CA SER A 172 -9.62 5.75 10.36
C SER A 172 -8.68 5.46 9.20
N LEU A 173 -8.38 4.19 8.98
CA LEU A 173 -7.51 3.86 7.87
C LEU A 173 -8.19 4.17 6.55
N SER A 174 -9.48 3.88 6.44
CA SER A 174 -10.19 4.20 5.20
C SER A 174 -10.12 5.68 4.90
N GLN A 175 -10.29 6.52 5.94
CA GLN A 175 -10.21 7.96 5.75
C GLN A 175 -8.81 8.39 5.34
N GLU A 176 -7.78 7.74 5.90
CA GLU A 176 -6.42 8.09 5.51
C GLU A 176 -6.15 7.70 4.06
N VAL A 177 -6.62 6.54 3.62
CA VAL A 177 -6.49 6.18 2.20
C VAL A 177 -7.26 7.17 1.33
N LEU A 178 -8.50 7.49 1.73
CA LEU A 178 -9.31 8.40 0.93
C LEU A 178 -8.63 9.77 0.82
N HIS A 179 -8.03 10.25 1.92
CA HIS A 179 -7.18 11.43 1.89
C HIS A 179 -6.20 11.39 0.70
N HIS A 180 -5.48 10.28 0.55
CA HIS A 180 -4.52 10.16 -0.54
C HIS A 180 -5.21 10.07 -1.90
N LEU A 181 -6.30 9.29 -1.99
CA LEU A 181 -6.95 9.12 -3.28
C LEU A 181 -7.50 10.44 -3.79
N ARG A 182 -8.04 11.27 -2.90
CA ARG A 182 -8.58 12.54 -3.35
C ARG A 182 -7.47 13.52 -3.69
N GLN A 183 -6.35 13.43 -2.97
CA GLN A 183 -5.20 14.26 -3.34
C GLN A 183 -4.63 13.83 -4.68
N GLU A 184 -4.65 12.52 -4.98
CA GLU A 184 -4.14 12.06 -6.27
C GLU A 184 -4.99 12.61 -7.40
N GLU A 185 -6.31 12.60 -7.23
CA GLU A 185 -7.18 13.11 -8.29
C GLU A 185 -6.99 14.62 -8.47
N LYS A 186 -6.78 15.34 -7.38
CA LYS A 186 -6.58 16.78 -7.49
C LYS A 186 -5.28 17.08 -8.25
N GLU A 187 -4.23 16.29 -8.00
CA GLU A 187 -3.01 16.41 -8.77
C GLU A 187 -3.24 16.05 -10.23
N GLU A 188 -3.95 14.95 -10.47
CA GLU A 188 -4.27 14.55 -11.85
C GLU A 188 -4.89 15.70 -12.66
N VAL A 189 -5.91 16.37 -12.11
CA VAL A 189 -6.60 17.39 -12.90
C VAL A 189 -5.97 18.79 -12.87
N THR A 190 -5.09 19.05 -11.90
CA THR A 190 -4.39 20.34 -11.86
C THR A 190 -3.04 20.31 -12.56
N VAL A 191 -2.35 19.17 -12.53
CA VAL A 191 -1.08 19.01 -13.23
C VAL A 191 -0.85 17.54 -13.56
#